data_8CDS
#
_entry.id   8CDS
#
_cell.length_a   26.877
_cell.length_b   42.105
_cell.length_c   44.946
_cell.angle_alpha   90.000
_cell.angle_beta   93.055
_cell.angle_gamma   90.000
#
_symmetry.space_group_name_H-M   'P 1 21 1'
#
loop_
_entity.id
_entity.type
_entity.pdbx_description
1 polymer '5-Nup93 inhibitory VHH antibody'
2 non-polymer 1,2-ETHANEDIOL
3 non-polymer DI(HYDROXYETHYL)ETHER
4 water water
#
_entity_poly.entity_id   1
_entity_poly.type   'polypeptide(L)'
_entity_poly.pdbx_seq_one_letter_code
;GSQVQLVESGGGVVQTGDSLMLSCTVSGHTIDNWAMGWFRQTPRKQREFVAAIDKRGTGAIYGNSVKGRFTVSRDNAKNM
VYLRMNSLKPEDTAVYFCAVDQLNAGLGDVSYDYDYWGQGTQVTVSS
;
_entity_poly.pdbx_strand_id   A
#
loop_
_chem_comp.id
_chem_comp.type
_chem_comp.name
_chem_comp.formula
EDO non-polymer 1,2-ETHANEDIOL 'C2 H6 O2'
PEG non-polymer DI(HYDROXYETHYL)ETHER 'C4 H10 O3'
#
# COMPACT_ATOMS: atom_id res chain seq x y z
N SER A 2 -8.17 1.23 19.56
CA SER A 2 -7.72 0.03 18.87
C SER A 2 -6.21 -0.13 18.95
N GLN A 3 -5.75 -1.36 19.13
CA GLN A 3 -4.32 -1.64 19.29
C GLN A 3 -3.68 -2.15 18.00
N VAL A 4 -4.20 -1.73 16.85
CA VAL A 4 -3.69 -2.17 15.56
C VAL A 4 -2.56 -1.25 15.12
N GLN A 5 -1.41 -1.83 14.79
CA GLN A 5 -0.24 -1.07 14.38
C GLN A 5 0.28 -1.60 13.05
N LEU A 6 0.61 -0.67 12.15
CA LEU A 6 1.09 -0.99 10.81
C LEU A 6 2.49 -0.42 10.64
N VAL A 7 3.39 -1.23 10.07
CA VAL A 7 4.77 -0.79 9.83
C VAL A 7 5.13 -1.09 8.38
N GLU A 8 5.29 -0.04 7.58
CA GLU A 8 5.69 -0.17 6.18
C GLU A 8 7.21 -0.20 6.05
N SER A 9 7.70 -0.98 5.11
CA SER A 9 9.12 -1.03 4.84
CA SER A 9 9.12 -1.06 4.85
C SER A 9 9.33 -1.29 3.36
N GLY A 10 10.59 -1.24 2.94
CA GLY A 10 10.94 -1.50 1.57
C GLY A 10 11.18 -0.28 0.74
N GLY A 11 10.95 0.92 1.29
CA GLY A 11 11.28 2.11 0.56
C GLY A 11 12.78 2.26 0.33
N GLY A 12 13.11 3.09 -0.64
CA GLY A 12 14.51 3.29 -0.96
C GLY A 12 14.68 4.30 -2.07
N VAL A 13 15.94 4.48 -2.46
CA VAL A 13 16.33 5.40 -3.52
C VAL A 13 16.70 4.56 -4.73
N VAL A 14 16.05 4.82 -5.87
CA VAL A 14 16.25 4.01 -7.06
C VAL A 14 16.32 4.92 -8.28
N GLN A 15 16.76 4.34 -9.39
CA GLN A 15 16.82 4.98 -10.69
C GLN A 15 15.51 4.77 -11.44
N THR A 16 15.16 5.73 -12.30
CA THR A 16 14.08 5.52 -13.26
C THR A 16 14.20 4.16 -13.92
N GLY A 17 13.08 3.43 -13.92
CA GLY A 17 13.03 2.10 -14.50
C GLY A 17 13.23 0.97 -13.52
N ASP A 18 13.72 1.26 -12.31
CA ASP A 18 13.98 0.25 -11.30
C ASP A 18 12.69 -0.25 -10.66
N SER A 19 12.85 -1.26 -9.80
CA SER A 19 11.74 -1.90 -9.10
C SER A 19 12.00 -1.90 -7.60
N LEU A 20 10.90 -1.84 -6.84
CA LEU A 20 10.92 -2.01 -5.40
C LEU A 20 9.80 -2.96 -5.01
N MET A 21 9.89 -3.49 -3.80
CA MET A 21 8.84 -4.32 -3.23
CA MET A 21 8.86 -4.33 -3.22
C MET A 21 8.57 -3.80 -1.82
N LEU A 22 7.49 -3.03 -1.67
CA LEU A 22 7.12 -2.57 -0.34
C LEU A 22 6.39 -3.68 0.42
N SER A 23 6.53 -3.65 1.75
CA SER A 23 5.78 -4.56 2.59
C SER A 23 5.21 -3.78 3.77
N CYS A 24 4.16 -4.33 4.35
CA CYS A 24 3.61 -3.77 5.57
C CYS A 24 3.27 -4.92 6.50
N THR A 25 3.72 -4.84 7.73
N THR A 25 3.78 -4.87 7.72
CA THR A 25 3.41 -5.83 8.75
CA THR A 25 3.39 -5.80 8.76
C THR A 25 2.40 -5.25 9.74
C THR A 25 2.29 -5.18 9.60
N VAL A 26 1.34 -6.00 10.03
CA VAL A 26 0.24 -5.55 10.87
C VAL A 26 0.32 -6.31 12.20
N SER A 27 0.17 -5.58 13.29
CA SER A 27 0.16 -6.18 14.62
CA SER A 27 0.16 -6.19 14.62
C SER A 27 -1.07 -5.73 15.39
N GLY A 28 -1.57 -6.62 16.25
CA GLY A 28 -2.68 -6.29 17.13
C GLY A 28 -4.01 -6.90 16.75
N HIS A 29 -4.14 -7.39 15.52
CA HIS A 29 -5.37 -8.00 15.04
C HIS A 29 -5.05 -8.68 13.72
N THR A 30 -5.75 -9.78 13.45
CA THR A 30 -5.62 -10.44 12.16
C THR A 30 -6.17 -9.55 11.06
N ILE A 31 -5.52 -9.63 9.88
CA ILE A 31 -6.01 -8.89 8.71
C ILE A 31 -6.90 -9.75 7.82
N ASP A 32 -7.21 -10.99 8.21
CA ASP A 32 -7.82 -11.91 7.25
C ASP A 32 -9.26 -11.56 6.88
N ASN A 33 -9.91 -10.67 7.63
CA ASN A 33 -11.25 -10.23 7.25
C ASN A 33 -11.29 -8.79 6.74
N TRP A 34 -10.13 -8.20 6.45
CA TRP A 34 -10.03 -6.80 6.05
C TRP A 34 -9.52 -6.65 4.62
N ALA A 35 -10.07 -5.68 3.91
CA ALA A 35 -9.41 -5.14 2.73
C ALA A 35 -8.27 -4.25 3.18
N MET A 36 -7.21 -4.20 2.36
CA MET A 36 -6.04 -3.42 2.71
C MET A 36 -5.70 -2.52 1.53
N GLY A 37 -5.19 -1.32 1.82
CA GLY A 37 -4.90 -0.35 0.79
C GLY A 37 -3.51 0.25 0.91
N TRP A 38 -3.03 0.76 -0.23
CA TRP A 38 -1.81 1.56 -0.30
C TRP A 38 -2.15 2.94 -0.84
N PHE A 39 -1.57 3.96 -0.21
CA PHE A 39 -1.69 5.36 -0.61
C PHE A 39 -0.31 6.01 -0.59
N ARG A 40 -0.20 7.20 -1.17
CA ARG A 40 1.09 7.88 -1.17
C ARG A 40 0.92 9.39 -1.03
N GLN A 41 1.89 10.00 -0.37
CA GLN A 41 1.86 11.40 0.01
C GLN A 41 2.92 12.18 -0.75
N THR A 42 2.48 13.28 -1.37
CA THR A 42 3.31 14.28 -2.05
C THR A 42 2.84 15.65 -1.62
N PRO A 43 3.57 16.72 -1.99
CA PRO A 43 3.04 18.06 -1.71
C PRO A 43 1.66 18.30 -2.33
N ARG A 44 1.37 17.68 -3.47
CA ARG A 44 0.12 17.92 -4.16
C ARG A 44 -1.02 17.01 -3.74
N LYS A 45 -0.73 15.84 -3.16
CA LYS A 45 -1.78 14.92 -2.73
C LYS A 45 -1.37 14.31 -1.40
N GLN A 46 -2.18 14.54 -0.37
CA GLN A 46 -1.81 14.08 0.96
C GLN A 46 -1.88 12.56 1.06
N ARG A 47 -2.91 11.96 0.47
CA ARG A 47 -3.04 10.49 0.43
C ARG A 47 -3.65 10.12 -0.93
N GLU A 48 -2.81 10.09 -1.96
CA GLU A 48 -3.23 9.63 -3.27
C GLU A 48 -3.44 8.11 -3.28
N PHE A 49 -4.59 7.67 -3.79
CA PHE A 49 -4.84 6.23 -3.87
C PHE A 49 -3.87 5.53 -4.82
N VAL A 50 -3.31 4.39 -4.35
CA VAL A 50 -2.38 3.59 -5.16
C VAL A 50 -2.95 2.21 -5.47
N ALA A 51 -3.38 1.46 -4.44
CA ALA A 51 -3.90 0.13 -4.67
C ALA A 51 -4.76 -0.33 -3.49
N ALA A 52 -5.65 -1.28 -3.76
CA ALA A 52 -6.39 -1.93 -2.70
C ALA A 52 -6.61 -3.39 -3.06
N ILE A 53 -6.68 -4.26 -2.03
CA ILE A 53 -6.74 -5.69 -2.25
C ILE A 53 -7.77 -6.28 -1.29
N ASP A 54 -8.61 -7.19 -1.78
CA ASP A 54 -9.67 -7.70 -0.93
C ASP A 54 -9.14 -8.77 0.03
N LYS A 55 -10.01 -9.20 0.94
CA LYS A 55 -9.55 -9.98 2.10
C LYS A 55 -8.88 -11.28 1.68
N ARG A 56 -9.32 -11.91 0.59
CA ARG A 56 -8.69 -13.15 0.16
C ARG A 56 -7.61 -12.96 -0.91
N GLY A 57 -7.42 -11.74 -1.40
CA GLY A 57 -6.43 -11.50 -2.43
C GLY A 57 -6.91 -11.77 -3.84
N THR A 58 -8.18 -12.14 -4.02
CA THR A 58 -8.69 -12.45 -5.35
C THR A 58 -8.93 -11.21 -6.20
N GLY A 59 -9.24 -10.07 -5.59
CA GLY A 59 -9.53 -8.85 -6.32
C GLY A 59 -8.61 -7.72 -5.90
N ALA A 60 -8.35 -6.81 -6.84
CA ALA A 60 -7.53 -5.64 -6.57
C ALA A 60 -7.96 -4.51 -7.50
N ILE A 61 -7.80 -3.28 -7.02
CA ILE A 61 -7.96 -2.09 -7.84
C ILE A 61 -6.73 -1.22 -7.65
N TYR A 62 -6.51 -0.33 -8.63
CA TYR A 62 -5.30 0.49 -8.66
C TYR A 62 -5.62 1.91 -9.05
N GLY A 63 -4.78 2.83 -8.57
CA GLY A 63 -4.84 4.20 -9.06
C GLY A 63 -4.48 4.26 -10.54
N ASN A 64 -5.15 5.18 -11.25
CA ASN A 64 -4.96 5.29 -12.70
C ASN A 64 -3.49 5.39 -13.10
N SER A 65 -2.70 6.16 -12.36
CA SER A 65 -1.34 6.42 -12.81
CA SER A 65 -1.32 6.46 -12.73
C SER A 65 -0.36 5.28 -12.54
N VAL A 66 -0.78 4.22 -11.86
CA VAL A 66 0.09 3.06 -11.61
C VAL A 66 -0.41 1.79 -12.27
N LYS A 67 -1.56 1.84 -12.96
CA LYS A 67 -2.11 0.64 -13.57
C LYS A 67 -1.12 0.02 -14.57
N GLY A 68 -0.96 -1.31 -14.46
CA GLY A 68 -0.03 -2.03 -15.30
C GLY A 68 1.39 -2.08 -14.82
N ARG A 69 1.76 -1.22 -13.85
CA ARG A 69 3.11 -1.18 -13.30
C ARG A 69 3.23 -1.75 -11.90
N PHE A 70 2.22 -1.57 -11.06
CA PHE A 70 2.25 -2.03 -9.68
C PHE A 70 1.37 -3.26 -9.50
N THR A 71 1.74 -4.10 -8.54
CA THR A 71 0.96 -5.29 -8.20
C THR A 71 0.83 -5.38 -6.68
N VAL A 72 -0.40 -5.45 -6.17
CA VAL A 72 -0.62 -5.60 -4.74
C VAL A 72 -0.88 -7.06 -4.40
N SER A 73 -0.31 -7.50 -3.27
CA SER A 73 -0.51 -8.88 -2.82
CA SER A 73 -0.46 -8.88 -2.81
C SER A 73 -0.57 -8.89 -1.29
N ARG A 74 -0.91 -10.05 -0.73
CA ARG A 74 -1.02 -10.15 0.71
C ARG A 74 -0.74 -11.58 1.15
N ASP A 75 -0.39 -11.71 2.42
CA ASP A 75 -0.21 -13.02 3.07
C ASP A 75 -0.90 -12.93 4.42
N ASN A 76 -2.12 -13.47 4.49
CA ASN A 76 -2.91 -13.28 5.70
C ASN A 76 -2.29 -13.96 6.92
N ALA A 77 -1.69 -15.14 6.74
CA ALA A 77 -1.12 -15.82 7.89
C ALA A 77 0.03 -15.02 8.49
N LYS A 78 0.82 -14.36 7.64
CA LYS A 78 1.90 -13.50 8.13
CA LYS A 78 1.90 -13.52 8.15
C LYS A 78 1.43 -12.12 8.52
N ASN A 79 0.15 -11.79 8.25
CA ASN A 79 -0.39 -10.47 8.54
C ASN A 79 0.38 -9.40 7.77
N MET A 80 0.67 -9.69 6.50
CA MET A 80 1.48 -8.80 5.68
C MET A 80 0.79 -8.47 4.36
N VAL A 81 1.06 -7.27 3.88
CA VAL A 81 0.58 -6.79 2.59
C VAL A 81 1.80 -6.29 1.84
N TYR A 82 1.74 -6.40 0.50
CA TYR A 82 2.89 -6.10 -0.34
C TYR A 82 2.48 -5.21 -1.49
N LEU A 83 3.44 -4.41 -1.98
CA LEU A 83 3.24 -3.62 -3.19
C LEU A 83 4.49 -3.75 -4.05
N ARG A 84 4.39 -4.53 -5.13
CA ARG A 84 5.46 -4.63 -6.11
C ARG A 84 5.36 -3.44 -7.05
N MET A 85 6.44 -2.70 -7.19
CA MET A 85 6.49 -1.48 -8.00
CA MET A 85 6.46 -1.50 -8.01
C MET A 85 7.49 -1.67 -9.12
N ASN A 86 7.01 -1.82 -10.36
CA ASN A 86 7.87 -1.94 -11.52
C ASN A 86 7.88 -0.65 -12.32
N SER A 87 8.93 -0.49 -13.14
CA SER A 87 9.00 0.62 -14.08
C SER A 87 8.83 1.97 -13.39
N LEU A 88 9.55 2.15 -12.29
CA LEU A 88 9.34 3.35 -11.48
C LEU A 88 9.72 4.60 -12.27
N LYS A 89 9.00 5.70 -12.00
CA LYS A 89 9.16 7.00 -12.62
C LYS A 89 9.44 8.05 -11.56
N PRO A 90 10.13 9.13 -11.91
CA PRO A 90 10.34 10.22 -10.94
C PRO A 90 9.07 10.68 -10.24
N GLU A 91 7.94 10.72 -10.94
CA GLU A 91 6.73 11.19 -10.27
C GLU A 91 6.14 10.15 -9.32
N ASP A 92 6.71 8.94 -9.23
CA ASP A 92 6.34 7.99 -8.18
C ASP A 92 7.01 8.31 -6.85
N THR A 93 7.88 9.31 -6.80
CA THR A 93 8.52 9.70 -5.55
C THR A 93 7.47 10.19 -4.55
N ALA A 94 7.44 9.59 -3.37
CA ALA A 94 6.39 9.85 -2.39
C ALA A 94 6.70 9.03 -1.15
N VAL A 95 6.00 9.34 -0.06
CA VAL A 95 5.96 8.47 1.10
C VAL A 95 4.75 7.57 0.92
N TYR A 96 4.98 6.26 1.00
CA TYR A 96 3.95 5.26 0.75
C TYR A 96 3.42 4.71 2.07
N PHE A 97 2.09 4.67 2.18
CA PHE A 97 1.38 4.25 3.38
C PHE A 97 0.47 3.07 3.09
N CYS A 98 0.36 2.16 4.05
CA CYS A 98 -0.62 1.09 4.02
C CYS A 98 -1.68 1.38 5.09
N ALA A 99 -2.90 0.93 4.83
CA ALA A 99 -4.01 1.21 5.73
C ALA A 99 -5.05 0.11 5.63
N VAL A 100 -5.94 0.08 6.63
CA VAL A 100 -6.94 -0.98 6.82
C VAL A 100 -8.30 -0.46 6.41
N ASP A 101 -9.04 -1.23 5.60
CA ASP A 101 -10.46 -1.00 5.30
C ASP A 101 -11.25 -2.08 6.04
N GLN A 102 -11.93 -1.69 7.12
CA GLN A 102 -12.72 -2.67 7.86
C GLN A 102 -14.22 -2.48 7.66
N LEU A 103 -14.64 -1.82 6.57
CA LEU A 103 -16.06 -1.60 6.31
CA LEU A 103 -16.06 -1.61 6.33
C LEU A 103 -16.77 -2.86 5.84
N ASN A 104 -16.04 -3.85 5.34
CA ASN A 104 -16.65 -5.08 4.83
C ASN A 104 -17.62 -4.78 3.70
N ALA A 105 -17.24 -3.82 2.86
CA ALA A 105 -18.06 -3.34 1.73
C ALA A 105 -17.25 -3.31 0.44
N GLY A 106 -16.40 -4.29 0.24
CA GLY A 106 -15.62 -4.34 -0.98
C GLY A 106 -14.45 -3.37 -0.98
N LEU A 107 -14.03 -3.01 -2.20
CA LEU A 107 -12.82 -2.21 -2.37
C LEU A 107 -13.18 -0.75 -2.60
N GLY A 108 -12.45 0.14 -1.92
CA GLY A 108 -12.64 1.57 -2.08
C GLY A 108 -11.32 2.30 -2.23
N ASP A 109 -11.42 3.51 -2.77
CA ASP A 109 -10.22 4.26 -3.15
C ASP A 109 -10.11 5.61 -2.45
N VAL A 110 -10.85 5.82 -1.36
CA VAL A 110 -10.85 7.11 -0.66
C VAL A 110 -10.21 6.93 0.72
N SER A 111 -9.22 7.78 1.01
CA SER A 111 -8.40 7.58 2.20
C SER A 111 -9.20 7.65 3.49
N TYR A 112 -10.24 8.49 3.55
CA TYR A 112 -10.91 8.65 4.84
CA TYR A 112 -10.94 8.66 4.82
C TYR A 112 -11.67 7.40 5.26
N ASP A 113 -11.88 6.45 4.35
CA ASP A 113 -12.55 5.20 4.67
C ASP A 113 -11.61 4.17 5.32
N TYR A 114 -10.32 4.47 5.41
CA TYR A 114 -9.31 3.54 5.90
C TYR A 114 -8.82 3.94 7.30
N ASP A 115 -8.32 2.94 8.04
CA ASP A 115 -7.89 3.12 9.42
C ASP A 115 -6.48 2.57 9.65
N TYR A 116 -5.91 2.99 10.78
CA TYR A 116 -4.72 2.35 11.35
C TYR A 116 -3.49 2.57 10.50
N TRP A 117 -3.47 3.71 9.82
CA TRP A 117 -2.33 4.15 9.03
C TRP A 117 -1.00 3.93 9.74
N GLY A 118 0.00 3.45 9.00
CA GLY A 118 1.37 3.45 9.46
C GLY A 118 2.00 4.81 9.28
N GLN A 119 3.30 4.88 9.59
CA GLN A 119 4.04 6.11 9.39
C GLN A 119 4.67 6.20 8.00
N GLY A 120 4.54 5.16 7.18
CA GLY A 120 4.95 5.26 5.79
C GLY A 120 6.39 4.86 5.55
N THR A 121 6.72 4.73 4.26
CA THR A 121 8.08 4.41 3.84
C THR A 121 8.40 5.26 2.60
N GLN A 122 9.56 5.92 2.63
CA GLN A 122 9.93 6.86 1.59
C GLN A 122 10.44 6.15 0.35
N VAL A 123 9.90 6.53 -0.81
CA VAL A 123 10.38 6.06 -2.11
C VAL A 123 10.86 7.26 -2.90
N THR A 124 12.09 7.21 -3.40
CA THR A 124 12.65 8.29 -4.18
C THR A 124 13.18 7.72 -5.48
N VAL A 125 12.69 8.22 -6.61
CA VAL A 125 13.09 7.75 -7.93
C VAL A 125 13.88 8.85 -8.60
N SER A 126 15.17 8.60 -8.83
CA SER A 126 16.10 9.58 -9.39
C SER A 126 15.89 9.72 -10.89
N SER A 127 15.86 10.96 -11.35
CA SER A 127 15.64 11.26 -12.75
C SER A 127 16.83 10.83 -13.61
C1 EDO B . 9.86 8.53 6.38
O1 EDO B . 9.54 9.93 6.26
C2 EDO B . 8.62 7.68 6.09
O2 EDO B . 7.58 8.03 7.01
C1 PEG C . 9.32 -5.73 11.06
O1 PEG C . 8.75 -7.01 11.03
C2 PEG C . 8.32 -4.77 10.42
O2 PEG C . 8.22 -5.08 9.06
C3 PEG C . 8.02 -3.95 8.25
C4 PEG C . 7.17 -4.36 7.05
O4 PEG C . 7.59 -5.63 6.59
#